data_8YOZ
#
_entry.id   8YOZ
#
_cell.length_a   30.120
_cell.length_b   67.010
_cell.length_c   81.920
_cell.angle_alpha   90.000
_cell.angle_beta   90.000
_cell.angle_gamma   90.000
#
_symmetry.space_group_name_H-M   'P 21 21 21'
#
loop_
_entity.id
_entity.type
_entity.pdbx_description
1 polymer 'Transcription factor zinc-finger domain-containing protein'
2 non-polymer 'ZINC ION'
3 water water
#
_entity_poly.entity_id   1
_entity_poly.type   'polypeptide(L)'
_entity_poly.pdbx_seq_one_letter_code
;MPLLLCPNCQVGMREVERRGVLIDVCPQCGGVWLDKGELEKLLAEAEEVERRYEEELEGFYRKEGKPYKRKKGFMKLFDL
FD
;
_entity_poly.pdbx_strand_id   A,B
#
loop_
_chem_comp.id
_chem_comp.type
_chem_comp.name
_chem_comp.formula
ZN non-polymer 'ZINC ION' 'Zn 2'
#
# COMPACT_ATOMS: atom_id res chain seq x y z
N LEU A 3 -2.23 -10.94 19.75
CA LEU A 3 -3.07 -12.05 20.22
C LEU A 3 -4.42 -12.10 19.47
N LEU A 4 -4.43 -11.59 18.23
CA LEU A 4 -5.63 -11.55 17.39
C LEU A 4 -5.70 -12.81 16.52
N LEU A 5 -6.91 -13.36 16.35
CA LEU A 5 -7.06 -14.62 15.65
C LEU A 5 -7.22 -14.41 14.15
N CYS A 6 -6.49 -15.22 13.36
CA CYS A 6 -6.62 -15.18 11.90
C CYS A 6 -8.03 -15.56 11.49
N PRO A 7 -8.71 -14.77 10.65
CA PRO A 7 -10.07 -15.15 10.25
C PRO A 7 -10.10 -16.44 9.45
N ASN A 8 -8.99 -16.86 8.85
CA ASN A 8 -8.90 -18.17 8.20
C ASN A 8 -8.57 -19.25 9.21
N CYS A 9 -7.38 -19.18 9.78
CA CYS A 9 -6.76 -20.32 10.42
C CYS A 9 -7.08 -20.43 11.90
N GLN A 10 -7.77 -19.44 12.48
CA GLN A 10 -8.12 -19.44 13.91
C GLN A 10 -6.89 -19.61 14.80
N VAL A 11 -5.78 -19.04 14.37
CA VAL A 11 -4.52 -19.10 15.10
C VAL A 11 -4.02 -17.68 15.36
N GLY A 12 -3.05 -17.57 16.27
CA GLY A 12 -2.51 -16.27 16.64
C GLY A 12 -1.67 -15.67 15.53
N MET A 13 -1.93 -14.40 15.21
CA MET A 13 -1.17 -13.71 14.18
C MET A 13 -0.01 -12.95 14.80
N ARG A 14 1.06 -12.77 14.02
CA ARG A 14 2.28 -12.09 14.46
C ARG A 14 2.29 -10.63 14.04
N GLU A 15 2.96 -9.81 14.87
CA GLU A 15 2.99 -8.36 14.69
C GLU A 15 4.28 -7.94 13.98
N VAL A 16 4.11 -7.15 12.91
CA VAL A 16 5.19 -6.62 12.11
C VAL A 16 5.00 -5.11 11.99
N GLU A 17 6.06 -4.35 12.27
CA GLU A 17 6.03 -2.90 12.24
C GLU A 17 6.92 -2.39 11.11
N ARG A 18 6.33 -1.63 10.19
CA ARG A 18 7.02 -1.07 9.03
C ARG A 18 6.68 0.41 8.96
N ARG A 19 7.70 1.27 9.04
CA ARG A 19 7.53 2.71 8.96
C ARG A 19 6.42 3.19 9.91
N GLY A 20 6.34 2.57 11.08
CA GLY A 20 5.32 2.92 12.05
C GLY A 20 3.97 2.25 11.86
N VAL A 21 3.74 1.56 10.75
CA VAL A 21 2.48 0.87 10.52
C VAL A 21 2.58 -0.52 11.12
N LEU A 22 1.62 -0.87 11.98
CA LEU A 22 1.54 -2.22 12.56
C LEU A 22 0.67 -3.09 11.67
N ILE A 23 1.22 -4.18 11.16
CA ILE A 23 0.51 -5.12 10.31
C ILE A 23 0.50 -6.47 11.00
N ASP A 24 -0.67 -7.11 11.07
CA ASP A 24 -0.77 -8.46 11.60
C ASP A 24 -0.67 -9.46 10.45
N VAL A 25 0.20 -10.46 10.60
CA VAL A 25 0.50 -11.42 9.53
C VAL A 25 0.23 -12.83 10.06
N CYS A 26 -0.65 -13.58 9.39
CA CYS A 26 -0.82 -14.99 9.76
C CYS A 26 0.40 -15.78 9.32
N PRO A 27 1.08 -16.51 10.21
CA PRO A 27 2.26 -17.27 9.80
C PRO A 27 1.92 -18.56 9.07
N GLN A 28 0.66 -19.00 9.10
CA GLN A 28 0.26 -20.18 8.35
C GLN A 28 -0.11 -19.84 6.91
N CYS A 29 -1.16 -19.02 6.72
CA CYS A 29 -1.68 -18.71 5.40
C CYS A 29 -1.11 -17.44 4.80
N GLY A 30 -0.49 -16.59 5.61
CA GLY A 30 0.17 -15.42 5.09
C GLY A 30 -0.74 -14.25 4.77
N GLY A 31 -2.03 -14.34 5.12
CA GLY A 31 -2.88 -13.18 5.00
C GLY A 31 -2.47 -12.09 5.97
N VAL A 32 -2.96 -10.87 5.72
CA VAL A 32 -2.62 -9.73 6.56
C VAL A 32 -3.89 -9.02 7.01
N TRP A 33 -3.84 -8.51 8.25
CA TRP A 33 -4.92 -7.75 8.90
C TRP A 33 -4.38 -6.37 9.27
N LEU A 34 -5.10 -5.33 8.89
CA LEU A 34 -4.81 -3.97 9.32
C LEU A 34 -5.99 -3.42 10.10
N ASP A 35 -5.76 -3.06 11.35
CA ASP A 35 -6.76 -2.31 12.09
C ASP A 35 -7.01 -1.01 11.35
N LYS A 36 -8.23 -0.47 11.47
CA LYS A 36 -8.59 0.76 10.78
C LYS A 36 -7.55 1.86 11.03
N GLY A 37 -7.08 1.98 12.28
CA GLY A 37 -6.09 3.00 12.58
C GLY A 37 -4.77 2.78 11.87
N GLU A 38 -4.37 1.52 11.69
CA GLU A 38 -3.12 1.23 10.99
C GLU A 38 -3.29 1.47 9.50
N LEU A 39 -4.46 1.13 8.94
CA LEU A 39 -4.74 1.43 7.54
C LEU A 39 -4.64 2.91 7.27
N GLU A 40 -5.17 3.74 8.17
CA GLU A 40 -5.02 5.18 8.02
C GLU A 40 -3.55 5.58 7.93
N LYS A 41 -2.69 5.00 8.79
CA LYS A 41 -1.28 5.33 8.78
C LYS A 41 -0.62 4.88 7.48
N LEU A 42 -1.01 3.72 6.96
CA LEU A 42 -0.46 3.27 5.69
C LEU A 42 -0.81 4.24 4.56
N LEU A 43 -2.05 4.72 4.51
CA LEU A 43 -2.45 5.65 3.47
C LEU A 43 -1.70 6.97 3.58
N ALA A 44 -1.45 7.42 4.81
CA ALA A 44 -0.68 8.65 4.99
C ALA A 44 0.76 8.48 4.52
N GLU A 45 1.36 7.31 4.75
CA GLU A 45 2.74 7.09 4.31
C GLU A 45 2.83 7.00 2.79
N ALA A 46 1.88 6.32 2.14
CA ALA A 46 1.89 6.27 0.69
C ALA A 46 1.76 7.68 0.11
N GLU A 47 0.98 8.53 0.77
CA GLU A 47 0.82 9.90 0.30
C GLU A 47 2.11 10.68 0.42
N GLU A 48 2.88 10.46 1.50
CA GLU A 48 4.15 11.17 1.64
C GLU A 48 5.18 10.68 0.63
N VAL A 49 5.23 9.37 0.38
CA VAL A 49 6.15 8.84 -0.62
C VAL A 49 5.81 9.40 -2.00
N GLU A 50 4.52 9.39 -2.34
CA GLU A 50 4.10 9.96 -3.62
C GLU A 50 4.43 11.44 -3.71
N ARG A 51 4.17 12.20 -2.64
CA ARG A 51 4.44 13.64 -2.65
C ARG A 51 5.90 13.94 -2.92
N ARG A 52 6.82 13.14 -2.35
CA ARG A 52 8.24 13.42 -2.54
C ARG A 52 8.66 13.20 -3.99
N TYR A 53 8.14 12.14 -4.63
CA TYR A 53 8.44 11.91 -6.04
C TYR A 53 7.88 13.02 -6.93
N GLU A 54 6.66 13.46 -6.65
CA GLU A 54 5.98 14.39 -7.55
C GLU A 54 6.58 15.79 -7.43
N GLU A 55 7.02 16.18 -6.24
CA GLU A 55 7.65 17.49 -6.09
C GLU A 55 9.00 17.54 -6.81
N GLU A 56 9.81 16.49 -6.70
CA GLU A 56 11.07 16.46 -7.43
C GLU A 56 10.82 16.52 -8.94
N LEU A 57 9.85 15.74 -9.45
CA LEU A 57 9.57 15.78 -10.89
C LEU A 57 9.00 17.14 -11.31
N GLU A 58 8.17 17.76 -10.48
CA GLU A 58 7.63 19.08 -10.78
C GLU A 58 8.73 20.09 -10.97
N GLY A 59 9.78 19.99 -10.15
CA GLY A 59 10.91 20.90 -10.31
C GLY A 59 11.66 20.69 -11.61
N PHE A 60 11.93 19.43 -11.97
CA PHE A 60 12.67 19.16 -13.20
C PHE A 60 11.93 19.68 -14.43
N TYR A 61 10.62 19.44 -14.49
CA TYR A 61 9.82 19.91 -15.63
C TYR A 61 9.78 21.43 -15.68
N ARG A 62 9.69 22.07 -14.51
CA ARG A 62 9.67 23.53 -14.48
C ARG A 62 10.98 24.11 -14.99
N LYS A 63 12.11 23.50 -14.65
CA LYS A 63 13.38 24.02 -15.15
C LYS A 63 13.55 23.79 -16.65
N GLU A 64 12.90 22.77 -17.21
CA GLU A 64 12.95 22.52 -18.64
C GLU A 64 11.83 23.20 -19.40
N GLY A 65 10.94 23.89 -18.70
CA GLY A 65 9.81 24.55 -19.32
C GLY A 65 8.85 23.62 -20.02
N LYS A 66 8.70 22.39 -19.52
CA LYS A 66 7.73 21.46 -20.10
C LYS A 66 6.51 21.33 -19.19
N PRO A 67 5.32 21.30 -19.76
CA PRO A 67 4.11 21.14 -18.94
C PRO A 67 4.08 19.81 -18.20
N TYR A 68 3.52 19.83 -16.99
CA TYR A 68 3.45 18.64 -16.15
C TYR A 68 2.17 18.64 -15.32
N LYS A 69 1.48 17.50 -15.34
CA LYS A 69 0.32 17.21 -14.49
C LYS A 69 0.61 16.00 -13.62
N ARG A 70 0.40 16.14 -12.32
CA ARG A 70 0.76 15.08 -11.38
C ARG A 70 0.05 13.79 -11.74
N LYS A 71 0.78 12.67 -11.61
CA LYS A 71 0.30 11.35 -11.98
C LYS A 71 -0.56 10.72 -10.90
N LYS A 72 -0.32 11.10 -9.64
CA LYS A 72 -1.02 10.57 -8.46
C LYS A 72 -1.14 9.04 -8.51
N GLY A 73 -0.02 8.38 -8.80
CA GLY A 73 -0.07 6.96 -9.11
C GLY A 73 -0.33 6.08 -7.90
N PHE A 74 0.21 6.45 -6.74
CA PHE A 74 -0.01 5.64 -5.54
C PHE A 74 -1.44 5.77 -5.06
N MET A 75 -1.95 6.99 -4.98
CA MET A 75 -3.24 7.19 -4.35
C MET A 75 -4.35 6.70 -5.26
N LYS A 76 -4.13 6.69 -6.57
CA LYS A 76 -5.08 6.05 -7.48
C LYS A 76 -5.23 4.57 -7.15
N LEU A 77 -4.12 3.90 -6.83
CA LEU A 77 -4.21 2.50 -6.41
C LEU A 77 -4.78 2.39 -5.00
N PHE A 78 -4.30 3.21 -4.06
CA PHE A 78 -4.67 3.00 -2.66
C PHE A 78 -6.00 3.65 -2.27
N ASP A 79 -6.63 4.44 -3.15
CA ASP A 79 -7.97 4.92 -2.84
C ASP A 79 -8.99 3.79 -2.84
N LEU A 80 -8.58 2.57 -3.19
CA LEU A 80 -9.44 1.40 -3.02
C LEU A 80 -9.78 1.15 -1.55
N PHE A 81 -9.14 1.85 -0.63
CA PHE A 81 -9.50 1.78 0.78
C PHE A 81 -10.33 3.00 1.18
N MET B 1 -17.45 -21.45 0.87
CA MET B 1 -17.04 -20.05 0.74
C MET B 1 -17.91 -19.05 1.50
N PRO B 2 -17.95 -19.14 2.86
CA PRO B 2 -18.70 -18.14 3.63
C PRO B 2 -17.91 -16.87 3.94
N LEU B 3 -18.58 -15.90 4.59
CA LEU B 3 -17.93 -14.66 5.02
C LEU B 3 -16.93 -14.93 6.14
N LEU B 4 -16.06 -13.96 6.39
CA LEU B 4 -14.97 -14.06 7.36
C LEU B 4 -15.25 -13.20 8.58
N LEU B 5 -14.86 -13.69 9.75
CA LEU B 5 -15.16 -13.02 11.02
C LEU B 5 -14.04 -12.05 11.40
N CYS B 6 -14.40 -10.79 11.63
CA CYS B 6 -13.44 -9.78 12.04
C CYS B 6 -12.73 -10.29 13.28
N PRO B 7 -11.43 -10.04 13.47
CA PRO B 7 -10.80 -10.49 14.72
C PRO B 7 -11.03 -9.57 15.90
N ASN B 8 -11.54 -8.35 15.67
CA ASN B 8 -11.87 -7.40 16.73
C ASN B 8 -13.34 -7.51 17.18
N CYS B 9 -14.27 -7.46 16.22
CA CYS B 9 -15.70 -7.34 16.47
C CYS B 9 -16.44 -8.67 16.51
N GLN B 10 -15.91 -9.73 15.90
CA GLN B 10 -16.61 -11.02 15.83
C GLN B 10 -17.88 -10.95 14.98
N VAL B 11 -17.91 -10.05 14.01
CA VAL B 11 -19.04 -9.90 13.10
C VAL B 11 -18.55 -10.22 11.69
N GLY B 12 -19.48 -10.56 10.81
CA GLY B 12 -19.13 -11.00 9.47
C GLY B 12 -18.65 -9.83 8.60
N MET B 13 -17.56 -10.06 7.85
CA MET B 13 -16.93 -8.99 7.09
C MET B 13 -17.42 -8.97 5.64
N ARG B 14 -17.48 -7.76 5.09
CA ARG B 14 -17.95 -7.50 3.74
C ARG B 14 -16.82 -7.72 2.74
N GLU B 15 -17.06 -8.50 1.69
CA GLU B 15 -16.05 -8.75 0.67
C GLU B 15 -16.38 -7.99 -0.61
N VAL B 16 -15.47 -7.13 -1.06
CA VAL B 16 -15.68 -6.26 -2.23
C VAL B 16 -14.46 -6.31 -3.14
N GLU B 17 -14.69 -6.47 -4.44
CA GLU B 17 -13.59 -6.41 -5.40
C GLU B 17 -13.41 -4.96 -5.87
N ARG B 18 -12.24 -4.38 -5.57
CA ARG B 18 -11.91 -3.00 -5.94
C ARG B 18 -10.58 -2.99 -6.67
N ARG B 19 -10.54 -2.34 -7.84
CA ARG B 19 -9.35 -2.32 -8.69
C ARG B 19 -8.82 -3.74 -8.95
N GLY B 20 -9.72 -4.72 -9.00
CA GLY B 20 -9.33 -6.09 -9.26
C GLY B 20 -8.81 -6.85 -8.06
N VAL B 21 -8.87 -6.26 -6.86
CA VAL B 21 -8.34 -6.87 -5.64
C VAL B 21 -9.49 -7.15 -4.70
N LEU B 22 -9.57 -8.38 -4.19
CA LEU B 22 -10.63 -8.77 -3.24
C LEU B 22 -10.21 -8.35 -1.83
N ILE B 23 -10.92 -7.40 -1.23
CA ILE B 23 -10.64 -6.95 0.13
C ILE B 23 -11.84 -7.28 1.01
N ASP B 24 -11.58 -7.58 2.27
CA ASP B 24 -12.63 -7.79 3.25
C ASP B 24 -12.58 -6.66 4.27
N VAL B 25 -13.71 -5.99 4.49
CA VAL B 25 -13.80 -4.85 5.39
C VAL B 25 -14.85 -5.14 6.45
N CYS B 26 -14.46 -5.01 7.74
CA CYS B 26 -15.44 -5.10 8.82
C CYS B 26 -16.39 -3.90 8.76
N PRO B 27 -17.71 -4.10 8.70
CA PRO B 27 -18.62 -2.95 8.63
C PRO B 27 -18.71 -2.19 9.93
N GLN B 28 -18.31 -2.79 11.04
CA GLN B 28 -18.42 -2.18 12.36
C GLN B 28 -17.19 -1.38 12.76
N CYS B 29 -15.97 -1.89 12.49
CA CYS B 29 -14.74 -1.19 12.86
C CYS B 29 -13.91 -0.74 11.66
N GLY B 30 -14.17 -1.26 10.48
CA GLY B 30 -13.45 -0.86 9.29
C GLY B 30 -12.03 -1.40 9.16
N GLY B 31 -11.62 -2.35 10.00
CA GLY B 31 -10.39 -3.06 9.70
C GLY B 31 -10.51 -3.84 8.40
N VAL B 32 -9.37 -4.17 7.80
CA VAL B 32 -9.33 -4.82 6.49
C VAL B 32 -8.45 -6.07 6.54
N TRP B 33 -8.92 -7.12 5.88
CA TRP B 33 -8.22 -8.39 5.75
C TRP B 33 -7.90 -8.62 4.28
N LEU B 34 -6.63 -8.90 3.98
CA LEU B 34 -6.21 -9.30 2.63
C LEU B 34 -5.64 -10.70 2.65
N ASP B 35 -6.25 -11.62 1.91
CA ASP B 35 -5.65 -12.94 1.75
C ASP B 35 -4.34 -12.79 0.97
N LYS B 36 -3.45 -13.77 1.11
CA LYS B 36 -2.07 -13.57 0.66
C LYS B 36 -2.00 -13.30 -0.84
N GLY B 37 -2.78 -14.04 -1.64
CA GLY B 37 -2.77 -13.80 -3.08
C GLY B 37 -3.29 -12.43 -3.48
N GLU B 38 -4.19 -11.85 -2.68
CA GLU B 38 -4.69 -10.51 -2.98
C GLU B 38 -3.71 -9.42 -2.56
N LEU B 39 -3.04 -9.61 -1.42
CA LEU B 39 -1.93 -8.74 -1.07
C LEU B 39 -0.88 -8.70 -2.18
N GLU B 40 -0.58 -9.87 -2.75
CA GLU B 40 0.44 -9.94 -3.79
C GLU B 40 0.05 -9.14 -5.03
N LYS B 41 -1.24 -9.14 -5.39
CA LYS B 41 -1.68 -8.34 -6.53
C LYS B 41 -1.55 -6.85 -6.24
N LEU B 42 -1.92 -6.43 -5.03
CA LEU B 42 -1.78 -5.03 -4.65
C LEU B 42 -0.31 -4.58 -4.73
N LEU B 43 0.60 -5.40 -4.19
CA LEU B 43 2.01 -5.00 -4.09
C LEU B 43 2.73 -5.05 -5.43
N ALA B 44 2.28 -5.93 -6.34
CA ALA B 44 2.87 -5.96 -7.67
C ALA B 44 2.58 -4.67 -8.42
N GLU B 45 1.36 -4.16 -8.33
CA GLU B 45 1.04 -2.89 -8.97
C GLU B 45 1.75 -1.73 -8.31
N ALA B 46 1.77 -1.69 -6.97
CA ALA B 46 2.50 -0.63 -6.27
C ALA B 46 3.95 -0.61 -6.70
N GLU B 47 4.56 -1.78 -6.90
CA GLU B 47 5.93 -1.85 -7.36
C GLU B 47 6.09 -1.24 -8.74
N GLU B 48 5.11 -1.48 -9.63
CA GLU B 48 5.12 -0.85 -10.94
C GLU B 48 5.05 0.66 -10.82
N VAL B 49 4.11 1.15 -10.00
CA VAL B 49 3.95 2.60 -9.82
C VAL B 49 5.26 3.23 -9.38
N GLU B 50 5.93 2.60 -8.42
CA GLU B 50 7.20 3.13 -7.91
C GLU B 50 8.28 3.08 -8.97
N ARG B 51 8.34 1.99 -9.73
CA ARG B 51 9.37 1.86 -10.76
C ARG B 51 9.27 2.99 -11.79
N ARG B 52 8.06 3.32 -12.22
CA ARG B 52 7.91 4.37 -13.24
C ARG B 52 8.35 5.73 -12.71
N TYR B 53 7.98 6.06 -11.48
CA TYR B 53 8.43 7.29 -10.85
C TYR B 53 9.95 7.38 -10.81
N GLU B 54 10.61 6.28 -10.44
CA GLU B 54 12.05 6.31 -10.22
C GLU B 54 12.82 6.34 -11.55
N GLU B 55 12.30 5.66 -12.56
CA GLU B 55 12.93 5.74 -13.89
C GLU B 55 12.85 7.15 -14.46
N GLU B 56 11.70 7.82 -14.28
CA GLU B 56 11.55 9.19 -14.78
C GLU B 56 12.54 10.12 -14.11
N LEU B 57 12.70 10.00 -12.79
CA LEU B 57 13.70 10.78 -12.06
C LEU B 57 15.11 10.38 -12.46
N GLU B 58 15.30 9.10 -12.78
CA GLU B 58 16.60 8.59 -13.17
C GLU B 58 17.11 9.32 -14.40
N GLY B 59 16.21 9.58 -15.36
CA GLY B 59 16.61 10.26 -16.58
C GLY B 59 17.00 11.71 -16.34
N PHE B 60 16.26 12.43 -15.49
CA PHE B 60 16.61 13.81 -15.20
C PHE B 60 17.99 13.89 -14.52
N TYR B 61 18.25 13.00 -13.57
CA TYR B 61 19.56 12.96 -12.92
C TYR B 61 20.66 12.61 -13.92
N ARG B 62 20.41 11.62 -14.78
CA ARG B 62 21.44 11.18 -15.72
C ARG B 62 21.84 12.32 -16.66
N LYS B 63 20.86 13.13 -17.09
CA LYS B 63 21.18 14.28 -17.92
C LYS B 63 22.04 15.30 -17.18
N GLU B 64 21.85 15.43 -15.87
CA GLU B 64 22.62 16.36 -15.05
C GLU B 64 24.00 15.83 -14.66
N GLY B 65 24.32 14.58 -14.97
CA GLY B 65 25.59 14.03 -14.53
C GLY B 65 25.67 13.72 -13.06
N LYS B 66 24.54 13.49 -12.39
CA LYS B 66 24.42 13.19 -10.96
C LYS B 66 23.82 11.81 -10.74
N PRO B 67 24.28 11.07 -9.74
CA PRO B 67 23.73 9.72 -9.50
C PRO B 67 22.45 9.81 -8.70
N TYR B 68 21.54 8.88 -8.98
CA TYR B 68 20.22 8.89 -8.37
C TYR B 68 20.11 7.69 -7.44
N LYS B 69 19.93 7.95 -6.15
CA LYS B 69 19.82 6.89 -5.15
C LYS B 69 18.39 6.42 -5.07
N ARG B 70 18.17 5.14 -5.41
CA ARG B 70 16.82 4.58 -5.37
C ARG B 70 16.29 4.54 -3.95
N LYS B 71 15.04 4.99 -3.77
CA LYS B 71 14.40 4.95 -2.46
C LYS B 71 13.49 3.73 -2.36
CA GLY B 73 10.51 4.46 -1.09
C GLY B 73 9.37 3.72 -0.43
N PHE B 74 8.35 3.32 -1.20
CA PHE B 74 7.17 2.68 -0.65
C PHE B 74 7.29 1.16 -0.58
N MET B 75 7.82 0.51 -1.63
CA MET B 75 8.01 -0.93 -1.56
C MET B 75 8.87 -1.34 -0.38
N LYS B 76 9.65 -0.40 0.16
CA LYS B 76 10.51 -0.70 1.31
C LYS B 76 9.71 -1.09 2.54
N LEU B 77 8.44 -0.69 2.60
CA LEU B 77 7.58 -1.13 3.69
C LEU B 77 7.36 -2.64 3.62
N PHE B 78 7.11 -3.17 2.43
CA PHE B 78 6.75 -4.58 2.30
C PHE B 78 7.92 -5.46 1.89
ZN ZN C . -4.17 -17.68 8.32
ZN ZN D . -14.43 -5.13 13.26
#